data_1XRN
#
_entry.id   1XRN
#
_cell.length_a   57.330
_cell.length_b   61.510
_cell.length_c   80.580
_cell.angle_alpha   90.00
_cell.angle_beta   90.00
_cell.angle_gamma   90.00
#
_symmetry.space_group_name_H-M   'P 21 21 21'
#
loop_
_entity.id
_entity.type
_entity.pdbx_description
1 polymer 'Proline iminopeptidase'
2 non-polymer ALANINE
3 water water
#
_entity_poly.entity_id   1
_entity_poly.type   'polypeptide(L)'
_entity_poly.pdbx_seq_one_letter_code
;MDQECIENYAKVNGIYIYYKLCKAPEEKAKLMTMHGGPGMSHDYLLSLRDMTKEGITVLFYDQFGCGRSEEPDQSKFTID
YGVEEAEALRSKLFGNEKVFLMGSSYGGALALAYAVKYQDHLKGLIVSGGLSSVPLTVKEMNRLIDELPAKYRDAIKKYG
SSGSYENPEYQEAVNYFYHQHLLRSEDWPPEVLKSLEYAERRNVYRIMNGPNQFTITGTIKDWDITDKISAIKIPTLITV
GEYDEVTPNVARVIHEKIAGSELHVFRDCSHLTMWEDREGYNKLLSDFILKHL
;
_entity_poly.pdbx_strand_id   A
#
# COMPACT_ATOMS: atom_id res chain seq x y z
N GLU A 4 -3.96 23.70 -1.15
CA GLU A 4 -4.42 23.07 0.11
C GLU A 4 -5.51 22.04 -0.18
N CYS A 5 -5.48 20.93 0.55
CA CYS A 5 -6.44 19.87 0.34
C CYS A 5 -7.64 20.01 1.28
N ILE A 6 -8.78 19.50 0.87
CA ILE A 6 -9.98 19.57 1.68
C ILE A 6 -10.07 18.35 2.60
N GLU A 7 -9.76 18.55 3.87
CA GLU A 7 -9.80 17.46 4.85
C GLU A 7 -11.18 17.36 5.51
N ASN A 8 -11.49 16.19 6.05
CA ASN A 8 -12.78 16.00 6.72
C ASN A 8 -12.78 14.76 7.60
N TYR A 9 -13.84 14.60 8.37
CA TYR A 9 -13.96 13.46 9.27
C TYR A 9 -15.42 12.97 9.22
N ALA A 10 -15.89 12.67 8.02
CA ALA A 10 -17.26 12.22 7.81
C ALA A 10 -17.52 10.73 8.09
N LYS A 11 -18.78 10.36 8.23
CA LYS A 11 -19.15 8.98 8.52
C LYS A 11 -19.15 8.19 7.24
N VAL A 12 -18.45 7.05 7.22
CA VAL A 12 -18.38 6.21 6.04
C VAL A 12 -18.60 4.72 6.31
N ASN A 13 -19.79 4.24 5.99
CA ASN A 13 -20.14 2.85 6.17
C ASN A 13 -20.20 2.43 7.64
N GLY A 14 -20.57 3.37 8.50
CA GLY A 14 -20.68 3.06 9.92
C GLY A 14 -19.77 3.83 10.85
N ILE A 15 -18.47 3.84 10.55
CA ILE A 15 -17.51 4.55 11.38
C ILE A 15 -16.96 5.81 10.70
N TYR A 16 -16.70 6.84 11.49
CA TYR A 16 -16.16 8.08 10.96
C TYR A 16 -14.77 7.84 10.41
N ILE A 17 -14.59 8.20 9.14
CA ILE A 17 -13.30 8.04 8.46
C ILE A 17 -12.73 9.40 8.02
N TYR A 18 -11.44 9.58 8.21
CA TYR A 18 -10.77 10.80 7.79
C TYR A 18 -10.29 10.66 6.35
N TYR A 19 -10.44 11.72 5.56
CA TYR A 19 -9.95 11.69 4.18
C TYR A 19 -9.42 13.06 3.75
N LYS A 20 -8.44 13.05 2.85
CA LYS A 20 -7.85 14.29 2.35
C LYS A 20 -7.95 14.36 0.83
N LEU A 21 -8.88 15.20 0.37
CA LEU A 21 -9.12 15.39 -1.07
C LEU A 21 -8.39 16.61 -1.58
N CYS A 22 -7.37 16.39 -2.42
CA CYS A 22 -6.61 17.49 -3.00
C CYS A 22 -7.09 17.66 -4.42
N LYS A 23 -7.95 18.66 -4.67
CA LYS A 23 -8.47 18.93 -5.99
C LYS A 23 -7.44 19.61 -6.87
N ALA A 24 -7.49 19.29 -8.15
CA ALA A 24 -6.58 19.87 -9.12
C ALA A 24 -7.23 21.04 -9.82
N PRO A 25 -6.48 22.15 -10.00
CA PRO A 25 -6.95 23.38 -10.66
C PRO A 25 -7.73 23.08 -11.92
N GLU A 26 -7.23 22.17 -12.73
CA GLU A 26 -7.92 21.75 -13.96
C GLU A 26 -8.12 20.23 -13.96
N GLU A 27 -8.87 19.75 -12.98
CA GLU A 27 -9.11 18.31 -12.85
C GLU A 27 -9.46 17.63 -14.17
N LYS A 28 -8.82 16.48 -14.42
CA LYS A 28 -9.06 15.72 -15.63
C LYS A 28 -9.35 14.27 -15.27
N ALA A 29 -8.99 13.89 -14.05
CA ALA A 29 -9.20 12.53 -13.54
C ALA A 29 -8.98 12.50 -12.03
N LYS A 30 -9.84 11.77 -11.32
CA LYS A 30 -9.75 11.66 -9.88
C LYS A 30 -9.19 10.30 -9.48
N LEU A 31 -8.06 10.33 -8.79
CA LEU A 31 -7.37 9.12 -8.33
C LEU A 31 -7.58 8.90 -6.84
N MET A 32 -7.98 7.68 -6.50
CA MET A 32 -8.20 7.32 -5.11
C MET A 32 -6.98 6.46 -4.64
N THR A 33 -6.53 6.67 -3.41
CA THR A 33 -5.38 5.96 -2.88
C THR A 33 -5.70 5.05 -1.69
N MET A 34 -4.88 4.01 -1.51
CA MET A 34 -5.00 3.02 -0.45
C MET A 34 -3.62 2.75 0.15
N HIS A 35 -3.36 3.33 1.30
CA HIS A 35 -2.09 3.14 1.95
C HIS A 35 -1.89 1.69 2.39
N GLY A 36 -0.63 1.30 2.56
CA GLY A 36 -0.32 -0.04 3.01
C GLY A 36 -0.47 -0.23 4.51
N GLY A 37 0.21 -1.26 5.02
CA GLY A 37 0.14 -1.57 6.45
C GLY A 37 0.11 -3.07 6.65
N PRO A 38 -1.04 -3.63 7.08
CA PRO A 38 -2.28 -2.91 7.38
C PRO A 38 -2.18 -2.14 8.70
N GLY A 39 -2.72 -0.92 8.73
CA GLY A 39 -2.69 -0.12 9.94
C GLY A 39 -1.85 1.15 9.89
N MET A 40 -1.33 1.50 8.72
CA MET A 40 -0.54 2.72 8.64
C MET A 40 -1.44 3.91 8.38
N SER A 41 -1.12 4.72 7.38
CA SER A 41 -1.95 5.88 7.06
C SER A 41 -1.67 6.37 5.65
N HIS A 42 -2.41 7.40 5.23
CA HIS A 42 -2.23 7.99 3.90
C HIS A 42 -0.94 8.85 3.88
N ASP A 43 -0.52 9.28 5.06
CA ASP A 43 0.65 10.13 5.21
C ASP A 43 1.84 9.84 4.33
N TYR A 44 2.32 8.59 4.31
CA TYR A 44 3.48 8.26 3.48
C TYR A 44 3.17 8.22 1.98
N LEU A 45 2.04 8.76 1.57
CA LEU A 45 1.68 8.75 0.17
C LEU A 45 1.45 10.14 -0.34
N LEU A 46 1.56 11.11 0.57
CA LEU A 46 1.37 12.52 0.27
C LEU A 46 2.21 13.01 -0.93
N SER A 47 3.36 12.39 -1.14
CA SER A 47 4.22 12.77 -2.23
C SER A 47 3.48 12.64 -3.56
N LEU A 48 2.42 11.86 -3.57
CA LEU A 48 1.61 11.66 -4.78
C LEU A 48 0.78 12.89 -5.09
N ARG A 49 0.79 13.84 -4.17
CA ARG A 49 0.04 15.07 -4.37
C ARG A 49 0.50 15.83 -5.61
N ASP A 50 1.80 15.71 -5.93
CA ASP A 50 2.40 16.37 -7.07
C ASP A 50 1.56 16.21 -8.32
N MET A 51 0.81 15.10 -8.38
CA MET A 51 -0.02 14.83 -9.56
C MET A 51 -1.17 15.81 -9.74
N THR A 52 -1.39 16.68 -8.75
CA THR A 52 -2.45 17.66 -8.85
C THR A 52 -2.06 18.68 -9.89
N LYS A 53 -0.75 18.85 -10.08
CA LYS A 53 -0.24 19.79 -11.08
C LYS A 53 -0.25 19.12 -12.46
N GLU A 54 -1.03 18.05 -12.59
CA GLU A 54 -1.15 17.32 -13.85
C GLU A 54 -2.61 17.06 -14.16
N GLY A 55 -3.49 17.76 -13.47
CA GLY A 55 -4.92 17.60 -13.71
C GLY A 55 -5.44 16.29 -13.14
N ILE A 56 -4.89 15.92 -11.99
CA ILE A 56 -5.27 14.68 -11.32
C ILE A 56 -5.56 14.89 -9.84
N THR A 57 -6.85 14.94 -9.49
CA THR A 57 -7.24 15.13 -8.11
C THR A 57 -6.94 13.82 -7.37
N VAL A 58 -6.26 13.92 -6.24
CA VAL A 58 -5.91 12.75 -5.45
C VAL A 58 -6.62 12.71 -4.09
N LEU A 59 -7.41 11.66 -3.89
CA LEU A 59 -8.12 11.46 -2.66
C LEU A 59 -7.34 10.57 -1.68
N PHE A 60 -6.98 11.12 -0.53
CA PHE A 60 -6.26 10.37 0.50
C PHE A 60 -7.22 10.03 1.65
N TYR A 61 -6.97 8.94 2.36
CA TYR A 61 -7.83 8.61 3.50
C TYR A 61 -7.24 7.51 4.36
N ASP A 62 -7.60 7.51 5.65
CA ASP A 62 -7.09 6.51 6.57
C ASP A 62 -8.13 5.40 6.69
N GLN A 63 -7.74 4.19 6.31
CA GLN A 63 -8.60 3.03 6.39
C GLN A 63 -9.07 2.81 7.84
N PHE A 64 -10.13 2.01 8.03
CA PHE A 64 -10.64 1.72 9.37
C PHE A 64 -9.51 1.41 10.40
N GLY A 65 -9.69 1.96 11.61
CA GLY A 65 -8.74 1.78 12.69
C GLY A 65 -7.37 2.37 12.46
N CYS A 66 -7.21 3.09 11.34
CA CYS A 66 -5.91 3.70 10.99
C CYS A 66 -5.85 5.19 11.21
N GLY A 67 -4.63 5.68 11.39
CA GLY A 67 -4.40 7.10 11.58
C GLY A 67 -5.42 7.85 12.41
N ARG A 68 -6.21 8.67 11.74
CA ARG A 68 -7.22 9.52 12.40
C ARG A 68 -8.60 8.89 12.49
N SER A 69 -8.91 7.97 11.58
CA SER A 69 -10.21 7.31 11.60
C SER A 69 -10.41 6.45 12.85
N GLU A 70 -11.67 6.18 13.18
CA GLU A 70 -11.96 5.41 14.38
C GLU A 70 -11.84 3.94 14.11
N GLU A 71 -11.58 3.18 15.15
CA GLU A 71 -11.44 1.74 15.01
C GLU A 71 -12.80 1.04 15.13
N PRO A 72 -13.13 0.20 14.16
CA PRO A 72 -14.40 -0.53 14.18
C PRO A 72 -14.26 -1.80 14.99
N ASP A 73 -15.30 -2.63 15.02
CA ASP A 73 -15.28 -3.89 15.74
C ASP A 73 -14.24 -4.81 15.11
N GLN A 74 -13.43 -5.48 15.94
CA GLN A 74 -12.38 -6.38 15.44
C GLN A 74 -12.88 -7.34 14.37
N SER A 75 -14.18 -7.68 14.43
CA SER A 75 -14.76 -8.60 13.46
C SER A 75 -14.70 -7.98 12.06
N LYS A 76 -14.51 -6.67 12.01
CA LYS A 76 -14.42 -5.94 10.76
C LYS A 76 -12.98 -5.67 10.33
N PHE A 77 -12.01 -6.29 11.01
CA PHE A 77 -10.62 -6.11 10.64
C PHE A 77 -10.27 -7.06 9.50
N THR A 78 -10.93 -6.91 8.36
CA THR A 78 -10.65 -7.73 7.21
C THR A 78 -10.65 -6.92 5.90
N ILE A 79 -10.00 -7.46 4.88
CA ILE A 79 -9.93 -6.82 3.58
C ILE A 79 -11.34 -6.63 3.00
N ASP A 80 -12.21 -7.62 3.17
CA ASP A 80 -13.58 -7.53 2.65
C ASP A 80 -14.23 -6.25 3.16
N TYR A 81 -14.02 -5.97 4.45
CA TYR A 81 -14.58 -4.78 5.05
C TYR A 81 -13.88 -3.55 4.44
N GLY A 82 -12.57 -3.65 4.26
CA GLY A 82 -11.82 -2.56 3.69
C GLY A 82 -12.36 -2.16 2.33
N VAL A 83 -12.67 -3.17 1.55
CA VAL A 83 -13.21 -2.93 0.22
C VAL A 83 -14.48 -2.11 0.32
N GLU A 84 -15.44 -2.58 1.09
CA GLU A 84 -16.71 -1.88 1.23
C GLU A 84 -16.46 -0.45 1.65
N GLU A 85 -15.55 -0.26 2.59
CA GLU A 85 -15.21 1.07 3.08
C GLU A 85 -14.70 1.93 1.90
N ALA A 86 -13.86 1.33 1.07
CA ALA A 86 -13.33 2.00 -0.09
C ALA A 86 -14.48 2.43 -1.01
N GLU A 87 -15.38 1.48 -1.29
CA GLU A 87 -16.53 1.73 -2.15
C GLU A 87 -17.45 2.81 -1.58
N ALA A 88 -17.93 2.59 -0.36
CA ALA A 88 -18.78 3.54 0.32
C ALA A 88 -18.14 4.96 0.31
N LEU A 89 -16.83 5.02 0.39
CA LEU A 89 -16.16 6.31 0.40
C LEU A 89 -16.13 6.94 -1.00
N ARG A 90 -15.97 6.11 -2.02
CA ARG A 90 -15.91 6.57 -3.41
C ARG A 90 -17.24 7.17 -3.86
N SER A 91 -18.33 6.57 -3.39
CA SER A 91 -19.67 7.03 -3.73
C SER A 91 -20.06 8.23 -2.86
N LYS A 92 -19.91 8.08 -1.56
CA LYS A 92 -20.25 9.14 -0.63
C LYS A 92 -19.53 10.45 -0.99
N LEU A 93 -18.54 10.36 -1.86
CA LEU A 93 -17.78 11.54 -2.25
C LEU A 93 -17.93 11.91 -3.71
N PHE A 94 -17.73 10.91 -4.58
CA PHE A 94 -17.81 11.16 -6.02
C PHE A 94 -19.08 10.62 -6.65
N GLY A 95 -19.84 9.80 -5.92
CA GLY A 95 -21.08 9.28 -6.45
C GLY A 95 -20.94 8.13 -7.43
N ASN A 96 -21.31 8.34 -8.68
CA ASN A 96 -21.25 7.27 -9.66
C ASN A 96 -20.07 7.44 -10.61
N GLU A 97 -19.32 8.52 -10.42
CA GLU A 97 -18.18 8.79 -11.28
C GLU A 97 -17.09 7.74 -11.21
N LYS A 98 -16.52 7.38 -12.36
CA LYS A 98 -15.46 6.40 -12.41
C LYS A 98 -14.13 7.06 -12.10
N VAL A 99 -13.36 6.44 -11.21
CA VAL A 99 -12.06 6.98 -10.82
C VAL A 99 -10.92 5.98 -10.99
N PHE A 100 -9.71 6.43 -10.66
CA PHE A 100 -8.51 5.59 -10.73
C PHE A 100 -8.16 5.12 -9.32
N LEU A 101 -7.92 3.82 -9.15
CA LEU A 101 -7.58 3.27 -7.84
C LEU A 101 -6.11 2.89 -7.75
N MET A 102 -5.47 3.24 -6.63
CA MET A 102 -4.05 2.96 -6.41
C MET A 102 -3.81 2.44 -5.01
N GLY A 103 -2.80 1.60 -4.87
CA GLY A 103 -2.51 1.09 -3.56
C GLY A 103 -1.07 0.72 -3.44
N SER A 104 -0.60 0.80 -2.20
CA SER A 104 0.78 0.53 -1.86
C SER A 104 0.87 -0.62 -0.87
N SER A 105 1.65 -1.63 -1.22
CA SER A 105 1.79 -2.79 -0.33
C SER A 105 0.43 -3.36 0.00
N TYR A 106 0.05 -3.33 1.26
CA TYR A 106 -1.25 -3.84 1.64
C TYR A 106 -2.33 -3.13 0.83
N GLY A 107 -2.18 -1.81 0.65
CA GLY A 107 -3.15 -1.06 -0.14
C GLY A 107 -3.26 -1.64 -1.54
N GLY A 108 -2.17 -2.22 -2.03
CA GLY A 108 -2.21 -2.84 -3.35
C GLY A 108 -3.07 -4.09 -3.31
N ALA A 109 -2.74 -5.04 -2.43
CA ALA A 109 -3.52 -6.27 -2.28
C ALA A 109 -4.97 -5.90 -2.07
N LEU A 110 -5.20 -4.87 -1.25
CA LEU A 110 -6.55 -4.38 -0.97
C LEU A 110 -7.17 -3.90 -2.27
N ALA A 111 -6.42 -3.06 -2.97
CA ALA A 111 -6.86 -2.49 -4.22
C ALA A 111 -7.27 -3.61 -5.20
N LEU A 112 -6.48 -4.68 -5.24
CA LEU A 112 -6.77 -5.82 -6.10
C LEU A 112 -8.13 -6.43 -5.75
N ALA A 113 -8.35 -6.65 -4.46
CA ALA A 113 -9.62 -7.20 -4.00
C ALA A 113 -10.77 -6.31 -4.46
N TYR A 114 -10.57 -5.00 -4.34
CA TYR A 114 -11.59 -4.04 -4.72
C TYR A 114 -11.92 -4.19 -6.20
N ALA A 115 -10.88 -4.39 -7.01
CA ALA A 115 -11.01 -4.51 -8.46
C ALA A 115 -11.76 -5.76 -8.84
N VAL A 116 -11.59 -6.79 -8.03
CA VAL A 116 -12.25 -8.08 -8.26
C VAL A 116 -13.78 -7.96 -8.19
N LYS A 117 -14.28 -7.08 -7.33
CA LYS A 117 -15.72 -6.87 -7.16
C LYS A 117 -16.24 -5.52 -7.65
N TYR A 118 -15.37 -4.52 -7.70
CA TYR A 118 -15.79 -3.18 -8.13
C TYR A 118 -14.91 -2.60 -9.23
N GLN A 119 -14.63 -3.37 -10.27
CA GLN A 119 -13.79 -2.87 -11.34
C GLN A 119 -14.61 -2.03 -12.28
N ASP A 120 -15.92 -2.17 -12.19
CA ASP A 120 -16.81 -1.41 -13.06
C ASP A 120 -16.95 0.02 -12.58
N HIS A 121 -16.35 0.31 -11.44
CA HIS A 121 -16.38 1.65 -10.85
C HIS A 121 -15.03 2.32 -11.03
N LEU A 122 -14.10 1.65 -11.69
CA LEU A 122 -12.77 2.21 -11.90
C LEU A 122 -12.36 2.29 -13.37
N LYS A 123 -11.68 3.38 -13.72
CA LYS A 123 -11.18 3.58 -15.08
C LYS A 123 -9.84 2.87 -15.23
N GLY A 124 -9.13 2.75 -14.11
CA GLY A 124 -7.82 2.11 -14.13
C GLY A 124 -7.38 1.72 -12.74
N LEU A 125 -6.42 0.81 -12.66
CA LEU A 125 -5.91 0.32 -11.39
C LEU A 125 -4.41 0.44 -11.32
N ILE A 126 -3.90 0.89 -10.19
CA ILE A 126 -2.46 1.03 -10.00
C ILE A 126 -2.03 0.30 -8.75
N VAL A 127 -1.07 -0.60 -8.89
CA VAL A 127 -0.58 -1.39 -7.77
C VAL A 127 0.89 -1.23 -7.60
N SER A 128 1.27 -0.60 -6.49
CA SER A 128 2.67 -0.35 -6.20
C SER A 128 3.17 -1.25 -5.06
N GLY A 129 4.15 -2.08 -5.38
CA GLY A 129 4.69 -2.98 -4.37
C GLY A 129 3.58 -3.73 -3.67
N GLY A 130 2.50 -4.01 -4.39
CA GLY A 130 1.38 -4.74 -3.78
C GLY A 130 1.57 -6.25 -3.84
N LEU A 131 0.50 -6.99 -3.63
CA LEU A 131 0.55 -8.45 -3.62
C LEU A 131 -0.82 -9.06 -3.81
N SER A 132 -0.86 -10.32 -4.27
CA SER A 132 -2.11 -11.01 -4.48
C SER A 132 -2.13 -12.23 -3.55
N SER A 133 -0.99 -12.47 -2.92
CA SER A 133 -0.82 -13.59 -2.02
C SER A 133 0.18 -13.25 -0.93
N VAL A 134 -0.28 -13.26 0.32
CA VAL A 134 0.59 -12.95 1.44
C VAL A 134 1.63 -14.07 1.59
N PRO A 135 1.23 -15.33 1.46
CA PRO A 135 2.18 -16.43 1.60
C PRO A 135 3.39 -16.23 0.69
N LEU A 136 3.14 -15.93 -0.58
CA LEU A 136 4.21 -15.67 -1.55
C LEU A 136 5.10 -14.54 -1.04
N THR A 137 4.47 -13.46 -0.60
CA THR A 137 5.20 -12.31 -0.06
C THR A 137 6.10 -12.77 1.10
N VAL A 138 5.62 -13.74 1.86
CA VAL A 138 6.40 -14.27 2.97
C VAL A 138 7.58 -15.11 2.44
N LYS A 139 7.29 -16.00 1.50
CA LYS A 139 8.35 -16.84 0.94
C LYS A 139 9.45 -15.97 0.35
N GLU A 140 9.04 -14.92 -0.36
CA GLU A 140 10.00 -14.00 -0.98
C GLU A 140 10.72 -13.12 0.05
N MET A 141 9.99 -12.70 1.09
CA MET A 141 10.61 -11.89 2.12
C MET A 141 11.63 -12.67 2.92
N ASN A 142 11.41 -13.97 3.07
CA ASN A 142 12.36 -14.81 3.82
C ASN A 142 13.67 -14.93 3.04
N ARG A 143 13.57 -14.94 1.72
CA ARG A 143 14.73 -15.03 0.86
C ARG A 143 15.59 -13.79 1.00
N LEU A 144 14.93 -12.65 1.16
CA LEU A 144 15.61 -11.37 1.31
C LEU A 144 16.43 -11.34 2.60
N ILE A 145 15.83 -11.80 3.70
CA ILE A 145 16.51 -11.84 4.98
C ILE A 145 17.75 -12.74 4.90
N ASP A 146 17.61 -13.90 4.27
CA ASP A 146 18.73 -14.82 4.12
C ASP A 146 19.87 -14.18 3.34
N GLU A 147 19.51 -13.38 2.33
CA GLU A 147 20.52 -12.72 1.52
C GLU A 147 21.20 -11.61 2.30
N LEU A 148 20.52 -11.12 3.32
CA LEU A 148 21.09 -10.08 4.17
C LEU A 148 22.39 -10.57 4.81
N PRO A 149 23.29 -9.64 5.18
CA PRO A 149 24.54 -10.08 5.81
C PRO A 149 24.30 -10.91 7.06
N ALA A 150 24.83 -12.13 7.09
CA ALA A 150 24.68 -13.05 8.22
C ALA A 150 24.43 -12.34 9.55
N LYS A 151 25.24 -11.33 9.84
CA LYS A 151 25.11 -10.57 11.09
C LYS A 151 23.65 -10.26 11.43
N TYR A 152 23.06 -9.32 10.68
CA TYR A 152 21.67 -8.92 10.90
C TYR A 152 20.69 -10.05 10.63
N ARG A 153 21.07 -10.98 9.76
CA ARG A 153 20.23 -12.12 9.43
C ARG A 153 20.03 -12.99 10.67
N ASP A 154 21.15 -13.35 11.32
CA ASP A 154 21.11 -14.20 12.50
C ASP A 154 20.23 -13.59 13.59
N ALA A 155 20.35 -12.27 13.77
CA ALA A 155 19.57 -11.57 14.79
C ALA A 155 18.08 -11.75 14.53
N ILE A 156 17.66 -11.54 13.28
CA ILE A 156 16.26 -11.67 12.90
C ILE A 156 15.71 -13.05 13.26
N LYS A 157 16.44 -14.10 12.87
CA LYS A 157 16.01 -15.47 13.17
C LYS A 157 16.15 -15.86 14.65
N LYS A 158 17.17 -15.36 15.33
CA LYS A 158 17.36 -15.68 16.73
C LYS A 158 16.26 -15.09 17.61
N TYR A 159 16.33 -13.78 17.81
CA TYR A 159 15.36 -13.08 18.64
C TYR A 159 13.95 -13.15 18.05
N GLY A 160 13.85 -13.25 16.73
CA GLY A 160 12.56 -13.34 16.10
C GLY A 160 11.78 -14.56 16.56
N SER A 161 12.47 -15.69 16.68
CA SER A 161 11.82 -16.93 17.12
C SER A 161 11.54 -16.89 18.61
N SER A 162 12.38 -16.17 19.35
CA SER A 162 12.23 -16.05 20.80
C SER A 162 11.22 -14.97 21.16
N GLY A 163 10.52 -14.47 20.14
CA GLY A 163 9.52 -13.43 20.36
C GLY A 163 10.03 -12.31 21.23
N SER A 164 11.06 -11.62 20.74
CA SER A 164 11.65 -10.51 21.45
C SER A 164 12.12 -9.47 20.45
N TYR A 165 11.20 -8.62 20.01
CA TYR A 165 11.52 -7.60 19.02
C TYR A 165 11.93 -6.28 19.67
N GLU A 166 12.13 -6.31 20.98
CA GLU A 166 12.54 -5.13 21.72
C GLU A 166 14.05 -5.05 21.83
N ASN A 167 14.71 -6.19 21.64
CA ASN A 167 16.16 -6.27 21.72
C ASN A 167 16.82 -5.35 20.71
N PRO A 168 17.92 -4.68 21.10
CA PRO A 168 18.65 -3.77 20.20
C PRO A 168 19.25 -4.48 18.98
N GLU A 169 19.84 -5.65 19.20
CA GLU A 169 20.42 -6.41 18.09
C GLU A 169 19.37 -6.70 17.03
N TYR A 170 18.16 -7.03 17.47
CA TYR A 170 17.08 -7.35 16.54
C TYR A 170 16.68 -6.10 15.75
N GLN A 171 16.53 -4.99 16.47
CA GLN A 171 16.15 -3.74 15.85
C GLN A 171 17.19 -3.26 14.84
N GLU A 172 18.47 -3.40 15.18
CA GLU A 172 19.52 -2.97 14.27
C GLU A 172 19.34 -3.68 12.93
N ALA A 173 18.96 -4.96 12.99
CA ALA A 173 18.75 -5.74 11.78
C ALA A 173 17.51 -5.24 11.06
N VAL A 174 16.44 -5.02 11.83
CA VAL A 174 15.18 -4.51 11.29
C VAL A 174 15.45 -3.19 10.59
N ASN A 175 16.28 -2.35 11.20
CA ASN A 175 16.63 -1.05 10.63
C ASN A 175 17.38 -1.24 9.33
N TYR A 176 18.34 -2.16 9.32
CA TYR A 176 19.14 -2.41 8.12
C TYR A 176 18.22 -2.84 6.99
N PHE A 177 17.45 -3.90 7.24
CA PHE A 177 16.53 -4.43 6.25
C PHE A 177 15.67 -3.31 5.67
N TYR A 178 15.05 -2.54 6.55
CA TYR A 178 14.19 -1.44 6.14
C TYR A 178 14.93 -0.50 5.22
N HIS A 179 16.15 -0.13 5.62
CA HIS A 179 17.01 0.77 4.84
C HIS A 179 17.55 0.12 3.58
N GLN A 180 16.96 -1.01 3.18
CA GLN A 180 17.43 -1.72 1.99
C GLN A 180 16.26 -2.19 1.12
N HIS A 181 15.11 -2.41 1.73
CA HIS A 181 13.93 -2.89 1.00
C HIS A 181 12.67 -2.10 1.29
N LEU A 182 12.73 -1.18 2.26
CA LEU A 182 11.57 -0.36 2.59
C LEU A 182 11.71 1.07 2.01
N LEU A 183 12.81 1.72 2.34
CA LEU A 183 13.10 3.05 1.84
C LEU A 183 14.62 3.18 1.74
N ARG A 184 15.14 3.26 0.52
CA ARG A 184 16.57 3.36 0.29
C ARG A 184 17.12 4.79 0.39
N SER A 185 17.14 5.30 1.61
CA SER A 185 17.65 6.63 1.89
C SER A 185 17.83 6.78 3.39
N GLU A 186 18.64 7.76 3.77
CA GLU A 186 18.82 8.08 5.17
C GLU A 186 17.91 9.30 5.16
N ASP A 187 17.75 9.98 6.28
CA ASP A 187 16.90 11.17 6.27
C ASP A 187 15.48 10.88 5.72
N TRP A 188 14.81 9.91 6.33
CA TRP A 188 13.46 9.54 5.94
C TRP A 188 12.51 10.72 6.07
N PRO A 189 11.62 10.92 5.09
CA PRO A 189 10.66 12.02 5.14
C PRO A 189 9.68 11.87 6.30
N PRO A 190 9.30 12.98 6.94
CA PRO A 190 8.37 12.94 8.07
C PRO A 190 7.10 12.13 7.78
N GLU A 191 6.46 12.39 6.64
CA GLU A 191 5.23 11.70 6.26
C GLU A 191 5.34 10.20 6.45
N VAL A 192 6.52 9.65 6.15
CA VAL A 192 6.72 8.22 6.28
C VAL A 192 6.83 7.82 7.75
N LEU A 193 7.57 8.60 8.53
CA LEU A 193 7.77 8.33 9.94
C LEU A 193 6.46 8.53 10.67
N LYS A 194 5.61 9.37 10.11
CA LYS A 194 4.30 9.67 10.70
C LYS A 194 3.40 8.45 10.54
N SER A 195 3.49 7.81 9.38
CA SER A 195 2.70 6.65 9.12
C SER A 195 3.12 5.46 9.98
N LEU A 196 4.43 5.26 10.10
CA LEU A 196 4.96 4.15 10.89
C LEU A 196 4.64 4.37 12.38
N GLU A 197 4.35 5.61 12.75
CA GLU A 197 4.01 5.93 14.13
C GLU A 197 2.52 5.63 14.36
N TYR A 198 1.70 5.87 13.34
CA TYR A 198 0.27 5.62 13.45
C TYR A 198 -0.02 4.14 13.60
N ALA A 199 0.76 3.31 12.92
CA ALA A 199 0.57 1.87 12.96
C ALA A 199 1.08 1.26 14.26
N GLU A 200 1.94 2.00 14.96
CA GLU A 200 2.52 1.55 16.22
C GLU A 200 1.69 2.02 17.40
N ARG A 201 0.69 2.86 17.13
CA ARG A 201 -0.17 3.38 18.18
C ARG A 201 -1.53 2.71 18.13
N ARG A 202 -2.04 2.48 16.92
CA ARG A 202 -3.33 1.85 16.75
C ARG A 202 -3.22 0.34 16.97
N ASN A 203 -4.24 -0.40 16.55
CA ASN A 203 -4.24 -1.86 16.74
C ASN A 203 -4.27 -2.67 15.46
N VAL A 204 -4.83 -2.10 14.40
CA VAL A 204 -4.94 -2.78 13.11
C VAL A 204 -3.66 -3.48 12.68
N TYR A 205 -2.51 -2.84 12.91
CA TYR A 205 -1.25 -3.43 12.49
C TYR A 205 -0.88 -4.69 13.27
N ARG A 206 -1.20 -4.70 14.56
CA ARG A 206 -0.89 -5.83 15.44
C ARG A 206 -1.79 -7.01 15.22
N ILE A 207 -3.02 -6.74 14.80
CA ILE A 207 -3.99 -7.81 14.56
C ILE A 207 -3.98 -8.32 13.12
N MET A 208 -4.13 -7.43 12.15
CA MET A 208 -4.17 -7.84 10.76
C MET A 208 -2.81 -8.21 10.17
N ASN A 209 -1.75 -7.61 10.69
CA ASN A 209 -0.43 -7.91 10.16
C ASN A 209 0.46 -8.68 11.13
N GLY A 210 1.08 -7.95 12.06
CA GLY A 210 1.95 -8.56 13.04
C GLY A 210 2.99 -7.59 13.54
N PRO A 211 4.12 -8.10 14.07
CA PRO A 211 5.22 -7.28 14.59
C PRO A 211 5.74 -6.24 13.60
N ASN A 212 6.58 -6.65 12.66
CA ASN A 212 7.16 -5.74 11.67
C ASN A 212 6.77 -6.09 10.23
N GLN A 213 7.63 -5.73 9.29
CA GLN A 213 7.40 -5.99 7.87
C GLN A 213 7.52 -7.48 7.54
N PHE A 214 8.73 -8.00 7.73
CA PHE A 214 9.02 -9.40 7.45
C PHE A 214 8.56 -10.35 8.56
N THR A 215 7.34 -10.14 9.05
CA THR A 215 6.81 -10.99 10.10
C THR A 215 5.28 -10.95 10.03
N ILE A 216 4.74 -11.31 8.87
CA ILE A 216 3.30 -11.29 8.65
C ILE A 216 2.65 -12.52 9.27
N THR A 217 2.44 -12.48 10.59
CA THR A 217 1.83 -13.58 11.31
C THR A 217 0.52 -13.15 11.94
N GLY A 218 -0.22 -12.31 11.22
CA GLY A 218 -1.47 -11.78 11.74
C GLY A 218 -2.67 -12.57 11.26
N THR A 219 -3.70 -11.86 10.81
CA THR A 219 -4.93 -12.49 10.32
C THR A 219 -5.06 -12.41 8.82
N ILE A 220 -3.95 -12.19 8.13
CA ILE A 220 -3.96 -12.11 6.66
C ILE A 220 -2.84 -12.93 6.04
N LYS A 221 -2.04 -13.55 6.90
CA LYS A 221 -0.90 -14.37 6.49
C LYS A 221 -1.27 -15.49 5.52
N ASP A 222 -2.56 -15.78 5.38
CA ASP A 222 -2.99 -16.84 4.49
C ASP A 222 -3.82 -16.31 3.32
N TRP A 223 -3.93 -14.98 3.24
CA TRP A 223 -4.71 -14.33 2.19
C TRP A 223 -4.04 -14.61 0.87
N ASP A 224 -4.82 -14.83 -0.18
CA ASP A 224 -4.27 -15.12 -1.49
C ASP A 224 -5.37 -15.23 -2.53
N ILE A 225 -5.55 -14.17 -3.33
CA ILE A 225 -6.57 -14.12 -4.38
C ILE A 225 -5.96 -14.21 -5.78
N THR A 226 -4.79 -14.85 -5.86
CA THR A 226 -4.10 -15.01 -7.13
C THR A 226 -5.00 -15.64 -8.20
N ASP A 227 -5.68 -16.73 -7.83
CA ASP A 227 -6.55 -17.41 -8.77
C ASP A 227 -7.85 -16.68 -9.00
N LYS A 228 -7.86 -15.36 -8.81
CA LYS A 228 -9.06 -14.57 -9.02
C LYS A 228 -8.81 -13.22 -9.68
N ILE A 229 -7.64 -12.64 -9.41
CA ILE A 229 -7.30 -11.34 -9.96
C ILE A 229 -7.33 -11.34 -11.48
N SER A 230 -7.29 -12.54 -12.05
CA SER A 230 -7.34 -12.71 -13.50
C SER A 230 -8.61 -12.12 -14.08
N ALA A 231 -9.58 -11.84 -13.22
CA ALA A 231 -10.85 -11.27 -13.62
C ALA A 231 -10.78 -9.75 -13.87
N ILE A 232 -9.69 -9.11 -13.45
CA ILE A 232 -9.53 -7.68 -13.65
C ILE A 232 -9.21 -7.36 -15.12
N LYS A 233 -10.08 -6.59 -15.76
CA LYS A 233 -9.90 -6.26 -17.16
C LYS A 233 -9.46 -4.82 -17.38
N ILE A 234 -9.76 -3.95 -16.44
CA ILE A 234 -9.38 -2.55 -16.57
C ILE A 234 -7.88 -2.37 -16.67
N PRO A 235 -7.42 -1.26 -17.29
CA PRO A 235 -5.99 -1.00 -17.43
C PRO A 235 -5.31 -1.05 -16.04
N THR A 236 -4.17 -1.73 -15.98
CA THR A 236 -3.46 -1.88 -14.71
C THR A 236 -1.97 -1.53 -14.83
N LEU A 237 -1.52 -0.66 -13.93
CA LEU A 237 -0.12 -0.26 -13.90
C LEU A 237 0.48 -0.86 -12.63
N ILE A 238 1.28 -1.91 -12.79
CA ILE A 238 1.92 -2.54 -11.66
C ILE A 238 3.37 -2.07 -11.53
N THR A 239 3.70 -1.41 -10.42
CA THR A 239 5.05 -0.91 -10.20
C THR A 239 5.69 -1.67 -9.05
N VAL A 240 7.02 -1.66 -9.01
CA VAL A 240 7.74 -2.34 -7.95
C VAL A 240 9.22 -1.94 -7.96
N GLY A 241 9.80 -1.80 -6.77
CA GLY A 241 11.19 -1.42 -6.66
C GLY A 241 12.13 -2.58 -6.92
N GLU A 242 13.36 -2.29 -7.36
CA GLU A 242 14.35 -3.33 -7.64
C GLU A 242 14.73 -4.06 -6.36
N TYR A 243 14.79 -3.34 -5.25
CA TYR A 243 15.15 -3.91 -3.96
C TYR A 243 13.92 -3.94 -3.06
N ASP A 244 12.75 -3.92 -3.67
CA ASP A 244 11.48 -3.90 -2.94
C ASP A 244 11.31 -5.07 -1.98
N GLU A 245 10.87 -4.80 -0.77
CA GLU A 245 10.64 -5.82 0.24
C GLU A 245 9.60 -6.81 -0.29
N VAL A 246 8.75 -6.33 -1.18
CA VAL A 246 7.78 -7.22 -1.80
C VAL A 246 8.33 -7.49 -3.21
N THR A 247 9.43 -8.26 -3.28
CA THR A 247 10.13 -8.61 -4.52
C THR A 247 9.30 -8.47 -5.79
N PRO A 248 9.94 -8.04 -6.89
CA PRO A 248 9.27 -7.88 -8.17
C PRO A 248 8.74 -9.20 -8.68
N ASN A 249 9.23 -10.31 -8.13
CA ASN A 249 8.74 -11.64 -8.52
C ASN A 249 7.24 -11.72 -8.17
N VAL A 250 6.88 -11.20 -7.00
CA VAL A 250 5.49 -11.18 -6.61
C VAL A 250 4.69 -10.30 -7.57
N ALA A 251 5.31 -9.21 -8.01
CA ALA A 251 4.66 -8.30 -8.93
C ALA A 251 4.42 -9.02 -10.27
N ARG A 252 5.26 -10.01 -10.56
CA ARG A 252 5.13 -10.78 -11.78
C ARG A 252 3.86 -11.64 -11.70
N VAL A 253 3.63 -12.27 -10.56
CA VAL A 253 2.44 -13.09 -10.42
C VAL A 253 1.17 -12.30 -10.67
N ILE A 254 1.15 -11.05 -10.19
CA ILE A 254 -0.02 -10.21 -10.40
C ILE A 254 -0.13 -9.78 -11.84
N HIS A 255 1.02 -9.49 -12.45
CA HIS A 255 1.14 -9.05 -13.85
C HIS A 255 0.73 -10.16 -14.82
N GLU A 256 1.13 -11.39 -14.48
CA GLU A 256 0.85 -12.58 -15.29
C GLU A 256 -0.64 -12.80 -15.56
N LYS A 257 -1.47 -12.57 -14.55
CA LYS A 257 -2.90 -12.76 -14.74
C LYS A 257 -3.55 -11.60 -15.47
N ILE A 258 -3.63 -10.46 -14.83
CA ILE A 258 -4.25 -9.27 -15.42
C ILE A 258 -3.68 -8.99 -16.83
N ALA A 259 -4.47 -9.27 -17.86
CA ALA A 259 -4.08 -9.05 -19.24
C ALA A 259 -3.98 -7.58 -19.61
N GLY A 260 -2.99 -7.25 -20.42
CA GLY A 260 -2.83 -5.89 -20.83
C GLY A 260 -2.24 -5.04 -19.73
N SER A 261 -1.95 -5.63 -18.58
CA SER A 261 -1.40 -4.85 -17.47
C SER A 261 0.07 -4.53 -17.68
N GLU A 262 0.49 -3.37 -17.18
CA GLU A 262 1.88 -2.98 -17.30
C GLU A 262 2.66 -3.38 -16.06
N LEU A 263 3.98 -3.48 -16.21
CA LEU A 263 4.85 -3.87 -15.10
C LEU A 263 6.15 -3.11 -15.19
N HIS A 264 6.28 -2.08 -14.36
CA HIS A 264 7.48 -1.25 -14.32
C HIS A 264 8.29 -1.49 -13.05
N VAL A 265 9.56 -1.85 -13.23
CA VAL A 265 10.46 -2.09 -12.12
C VAL A 265 11.45 -0.94 -11.96
N PHE A 266 11.24 -0.12 -10.92
CA PHE A 266 12.10 1.01 -10.61
C PHE A 266 13.47 0.60 -10.09
N ARG A 267 14.49 0.78 -10.92
CA ARG A 267 15.87 0.46 -10.58
C ARG A 267 16.39 1.36 -9.44
N ASP A 268 17.17 0.78 -8.54
CA ASP A 268 17.74 1.52 -7.41
C ASP A 268 16.69 1.92 -6.36
N CYS A 269 15.47 1.44 -6.52
CA CYS A 269 14.42 1.78 -5.55
C CYS A 269 13.96 0.57 -4.79
N SER A 270 13.40 0.82 -3.61
CA SER A 270 12.91 -0.28 -2.76
C SER A 270 11.38 -0.39 -2.79
N HIS A 271 10.75 -0.29 -1.63
CA HIS A 271 9.32 -0.43 -1.52
C HIS A 271 8.60 0.90 -1.60
N LEU A 272 9.23 1.92 -1.06
CA LEU A 272 8.62 3.25 -1.07
C LEU A 272 9.24 4.05 -2.20
N THR A 273 8.93 3.65 -3.43
CA THR A 273 9.47 4.30 -4.61
C THR A 273 8.93 5.70 -4.78
N MET A 274 7.72 5.95 -4.28
CA MET A 274 7.13 7.29 -4.42
C MET A 274 7.94 8.35 -3.70
N TRP A 275 8.94 7.93 -2.94
CA TRP A 275 9.79 8.84 -2.20
C TRP A 275 11.26 8.76 -2.67
N GLU A 276 11.66 7.59 -3.15
CA GLU A 276 13.01 7.39 -3.63
C GLU A 276 13.15 7.97 -5.04
N ASP A 277 12.03 8.04 -5.74
CA ASP A 277 11.99 8.60 -7.09
C ASP A 277 10.65 9.30 -7.29
N ARG A 278 10.37 10.23 -6.38
CA ARG A 278 9.14 11.01 -6.38
C ARG A 278 8.73 11.51 -7.75
N GLU A 279 9.69 12.03 -8.51
CA GLU A 279 9.41 12.55 -9.84
C GLU A 279 9.15 11.45 -10.84
N GLY A 280 9.93 10.38 -10.77
CA GLY A 280 9.75 9.27 -11.68
C GLY A 280 8.44 8.55 -11.44
N TYR A 281 8.11 8.33 -10.18
CA TYR A 281 6.87 7.65 -9.79
C TYR A 281 5.67 8.49 -10.22
N ASN A 282 5.68 9.76 -9.81
CA ASN A 282 4.58 10.67 -10.13
C ASN A 282 4.36 10.81 -11.62
N LYS A 283 5.44 10.78 -12.40
CA LYS A 283 5.32 10.89 -13.84
C LYS A 283 4.67 9.64 -14.45
N LEU A 284 5.17 8.47 -14.05
CA LEU A 284 4.63 7.21 -14.56
C LEU A 284 3.12 7.15 -14.33
N LEU A 285 2.69 7.25 -13.07
CA LEU A 285 1.24 7.18 -12.76
C LEU A 285 0.43 8.25 -13.48
N SER A 286 1.01 9.45 -13.61
CA SER A 286 0.29 10.54 -14.27
C SER A 286 0.13 10.23 -15.75
N ASP A 287 1.16 9.64 -16.37
CA ASP A 287 1.09 9.28 -17.79
C ASP A 287 0.07 8.16 -18.00
N PHE A 288 0.20 7.09 -17.21
CA PHE A 288 -0.70 5.95 -17.33
C PHE A 288 -2.15 6.40 -17.27
N ILE A 289 -2.46 7.16 -16.22
CA ILE A 289 -3.80 7.67 -15.97
C ILE A 289 -4.32 8.50 -17.14
N LEU A 290 -3.56 9.53 -17.51
CA LEU A 290 -3.94 10.41 -18.61
C LEU A 290 -4.10 9.68 -19.96
N LYS A 291 -3.44 8.55 -20.11
CA LYS A 291 -3.56 7.76 -21.34
C LYS A 291 -4.75 6.80 -21.28
N HIS A 292 -5.55 6.85 -20.21
CA HIS A 292 -6.69 5.95 -20.09
C HIS A 292 -7.90 6.69 -19.54
N LEU A 293 -7.96 7.99 -19.82
CA LEU A 293 -9.08 8.80 -19.35
C LEU A 293 -10.38 8.28 -19.93
#